data_6GUU
#
_entry.id   6GUU
#
_cell.length_a   131.628
_cell.length_b   131.628
_cell.length_c   84.569
_cell.angle_alpha   90.000
_cell.angle_beta   90.000
_cell.angle_gamma   90.000
#
_symmetry.space_group_name_H-M   'P 41 21 2'
#
loop_
_entity.id
_entity.type
_entity.pdbx_description
1 polymer 'Chromodomain-helicase-DNA-binding protein 5'
2 non-polymer 'ZINC ION'
#
_entity_poly.entity_id   1
_entity_poly.type   'polypeptide(L)'
_entity_poly.pdbx_seq_one_letter_code
;GPGEDDHMEFCRVCKDGGELLCCDACPSSYHLHCLNPPLPEIPNGEWLCPRCTCPPLKGKVQRILHWRWTEPPAPFMVGL
PGPDVEPSLPPPKPLEGIPEREFFVKWAGLSYWHCSWVKELQLELYHTVMYRNYQRKNDMDEPPPFDYGSGDEDGKSEKR
KNKDPLYAKMEERFYRYGIKPEWMMIHRILNHSFDKKGDVHYLIKWKDLPYDQCTWEIDDIDIPYYDNLKQAYWGHRELM
L
;
_entity_poly.pdbx_strand_id   A,B
#
loop_
_chem_comp.id
_chem_comp.type
_chem_comp.name
_chem_comp.formula
ZN non-polymer 'ZINC ION' 'Zn 2'
#
# COMPACT_ATOMS: atom_id res chain seq x y z
N ASP A 5 -29.42 14.84 2.60
CA ASP A 5 -29.02 14.09 1.42
C ASP A 5 -29.61 14.70 0.14
N ASP A 6 -29.29 15.96 -0.10
CA ASP A 6 -29.77 16.65 -1.28
C ASP A 6 -28.89 16.32 -2.50
N HIS A 7 -29.32 16.78 -3.66
CA HIS A 7 -28.60 16.57 -4.91
C HIS A 7 -28.04 17.89 -5.41
N MET A 8 -27.12 17.80 -6.36
CA MET A 8 -26.59 19.00 -7.01
C MET A 8 -27.69 19.71 -7.78
N GLU A 9 -27.82 21.01 -7.56
CA GLU A 9 -28.77 21.83 -8.30
C GLU A 9 -28.21 22.33 -9.62
N PHE A 10 -27.22 21.65 -10.18
CA PHE A 10 -26.62 22.06 -11.44
C PHE A 10 -26.03 20.85 -12.13
N CYS A 11 -26.07 20.86 -13.47
CA CYS A 11 -25.49 19.79 -14.24
C CYS A 11 -24.00 19.67 -13.94
N ARG A 12 -23.56 18.45 -13.63
CA ARG A 12 -22.15 18.21 -13.36
C ARG A 12 -21.27 18.60 -14.53
N VAL A 13 -21.72 18.30 -15.76
CA VAL A 13 -20.87 18.49 -16.93
C VAL A 13 -20.80 19.97 -17.32
N CYS A 14 -21.91 20.68 -17.24
CA CYS A 14 -22.00 22.04 -17.78
C CYS A 14 -22.22 23.12 -16.73
N LYS A 15 -22.32 22.77 -15.44
CA LYS A 15 -22.33 23.71 -14.33
C LYS A 15 -23.58 24.60 -14.33
N ASP A 16 -24.51 24.35 -15.24
CA ASP A 16 -25.73 25.16 -15.31
C ASP A 16 -26.91 24.39 -14.73
N GLY A 17 -27.93 25.14 -14.31
CA GLY A 17 -29.12 24.58 -13.72
C GLY A 17 -30.23 24.36 -14.76
N GLY A 18 -31.41 24.07 -14.24
CA GLY A 18 -32.57 23.85 -15.08
C GLY A 18 -33.07 22.42 -15.04
N GLU A 19 -33.54 21.90 -16.18
CA GLU A 19 -34.01 20.53 -16.28
C GLU A 19 -32.90 19.55 -15.93
N LEU A 20 -32.98 18.96 -14.74
CA LEU A 20 -31.91 18.11 -14.23
C LEU A 20 -32.41 16.69 -14.00
N LEU A 21 -31.49 15.74 -14.17
CA LEU A 21 -31.76 14.32 -14.00
C LEU A 21 -30.77 13.79 -12.97
N CYS A 22 -31.27 13.32 -11.84
CA CYS A 22 -30.47 13.06 -10.66
C CYS A 22 -30.23 11.57 -10.47
N CYS A 23 -29.00 11.23 -10.11
CA CYS A 23 -28.66 9.84 -9.83
C CYS A 23 -29.28 9.41 -8.51
N ASP A 24 -29.73 8.14 -8.45
CA ASP A 24 -30.31 7.61 -7.23
C ASP A 24 -29.30 6.97 -6.31
N ALA A 25 -28.03 6.84 -6.71
CA ALA A 25 -26.99 6.33 -5.84
C ALA A 25 -26.03 7.40 -5.32
N CYS A 26 -25.92 8.52 -6.01
CA CYS A 26 -25.01 9.59 -5.61
C CYS A 26 -25.66 10.92 -5.96
N PRO A 27 -25.16 12.03 -5.37
CA PRO A 27 -25.85 13.32 -5.57
C PRO A 27 -25.61 13.95 -6.94
N SER A 28 -25.08 13.21 -7.91
CA SER A 28 -24.80 13.80 -9.21
C SER A 28 -26.08 14.16 -9.94
N SER A 29 -25.96 15.15 -10.83
CA SER A 29 -27.08 15.62 -11.63
C SER A 29 -26.54 16.10 -12.97
N TYR A 30 -27.22 15.72 -14.06
CA TYR A 30 -26.72 15.98 -15.40
C TYR A 30 -27.82 16.53 -16.29
N HIS A 31 -27.39 17.23 -17.33
CA HIS A 31 -28.27 17.67 -18.41
C HIS A 31 -28.23 16.64 -19.53
N LEU A 32 -29.41 16.23 -20.01
CA LEU A 32 -29.50 15.09 -20.92
C LEU A 32 -28.66 15.29 -22.18
N HIS A 33 -28.50 16.53 -22.65
CA HIS A 33 -27.59 16.76 -23.76
C HIS A 33 -26.13 16.63 -23.35
N CYS A 34 -25.82 16.79 -22.06
CA CYS A 34 -24.43 16.77 -21.62
C CYS A 34 -23.86 15.36 -21.49
N LEU A 35 -24.71 14.36 -21.21
CA LEU A 35 -24.21 13.01 -21.02
C LEU A 35 -23.85 12.37 -22.36
N ASN A 36 -22.97 11.38 -22.28
CA ASN A 36 -22.43 10.69 -23.45
C ASN A 36 -22.60 9.19 -23.27
N PRO A 37 -23.54 8.55 -24.00
CA PRO A 37 -24.42 9.19 -24.99
C PRO A 37 -25.57 9.97 -24.36
N PRO A 38 -26.06 11.00 -25.06
CA PRO A 38 -27.25 11.71 -24.58
C PRO A 38 -28.45 10.78 -24.49
N LEU A 39 -29.29 11.00 -23.47
CA LEU A 39 -30.46 10.15 -23.33
C LEU A 39 -31.68 10.79 -23.97
N PRO A 40 -32.60 9.98 -24.54
CA PRO A 40 -33.83 10.53 -25.14
C PRO A 40 -34.61 11.44 -24.21
N GLU A 41 -35.05 10.91 -23.07
CA GLU A 41 -35.52 11.72 -21.94
C GLU A 41 -35.60 10.80 -20.71
N ILE A 42 -36.19 11.33 -19.64
CA ILE A 42 -36.20 10.72 -18.31
C ILE A 42 -36.56 9.25 -18.39
N PRO A 43 -35.65 8.35 -18.03
CA PRO A 43 -35.93 6.91 -18.14
C PRO A 43 -36.81 6.42 -17.01
N ASN A 44 -37.50 5.31 -17.28
CA ASN A 44 -38.34 4.67 -16.28
C ASN A 44 -37.47 4.04 -15.19
N GLY A 45 -38.00 4.07 -13.97
CA GLY A 45 -37.33 3.43 -12.85
C GLY A 45 -36.03 4.12 -12.45
N GLU A 46 -35.16 3.35 -11.81
CA GLU A 46 -33.89 3.88 -11.34
C GLU A 46 -33.01 4.30 -12.52
N TRP A 47 -32.06 5.18 -12.21
CA TRP A 47 -31.04 5.58 -13.18
C TRP A 47 -29.77 5.89 -12.40
N LEU A 48 -28.68 5.23 -12.78
CA LEU A 48 -27.39 5.40 -12.12
C LEU A 48 -26.49 6.25 -13.01
N CYS A 49 -25.83 7.24 -12.41
CA CYS A 49 -25.11 8.24 -13.17
C CYS A 49 -23.83 7.66 -13.79
N PRO A 50 -23.27 8.34 -14.79
CA PRO A 50 -22.06 7.83 -15.45
C PRO A 50 -20.90 7.58 -14.51
N ARG A 51 -20.79 8.33 -13.41
CA ARG A 51 -19.72 8.05 -12.47
C ARG A 51 -20.11 6.93 -11.50
N CYS A 52 -21.40 6.72 -11.27
CA CYS A 52 -21.84 5.56 -10.53
C CYS A 52 -21.83 4.29 -11.38
N THR A 53 -22.14 4.42 -12.68
CA THR A 53 -22.07 3.26 -13.56
C THR A 53 -20.64 2.85 -13.86
N CYS A 54 -19.68 3.75 -13.69
CA CYS A 54 -18.31 3.52 -14.13
C CYS A 54 -17.75 2.23 -13.53
N PRO A 55 -17.10 1.39 -14.33
CA PRO A 55 -16.48 0.18 -13.79
C PRO A 55 -15.21 0.52 -13.03
N PRO A 56 -14.88 -0.25 -11.99
CA PRO A 56 -13.64 0.00 -11.25
C PRO A 56 -12.43 -0.43 -12.08
N LEU A 57 -11.26 0.00 -11.62
CA LEU A 57 -10.03 -0.27 -12.34
C LEU A 57 -9.49 -1.65 -11.97
N LYS A 58 -8.70 -2.21 -12.90
CA LYS A 58 -8.09 -3.51 -12.68
C LYS A 58 -7.06 -3.46 -11.55
N GLY A 59 -6.35 -2.36 -11.43
CA GLY A 59 -5.44 -2.16 -10.31
C GLY A 59 -5.31 -0.68 -10.03
N LYS A 60 -4.17 -0.32 -9.47
CA LYS A 60 -3.85 1.09 -9.20
C LYS A 60 -2.86 1.57 -10.24
N VAL A 61 -3.16 2.70 -10.87
CA VAL A 61 -2.33 3.19 -11.96
C VAL A 61 -1.13 3.93 -11.38
N GLN A 62 0.05 3.67 -11.94
CA GLN A 62 1.27 4.28 -11.44
C GLN A 62 1.61 5.57 -12.19
N ARG A 63 1.44 5.58 -13.51
CA ARG A 63 1.78 6.74 -14.31
C ARG A 63 0.96 6.73 -15.59
N ILE A 64 0.47 7.90 -15.98
CA ILE A 64 -0.22 8.06 -17.25
C ILE A 64 0.80 8.42 -18.32
N LEU A 65 0.82 7.64 -19.39
CA LEU A 65 1.82 7.81 -20.44
C LEU A 65 1.32 8.58 -21.65
N HIS A 66 0.09 8.31 -22.08
CA HIS A 66 -0.39 8.82 -23.35
C HIS A 66 -1.91 8.78 -23.34
N TRP A 67 -2.53 9.56 -24.22
CA TRP A 67 -3.97 9.50 -24.36
C TRP A 67 -4.37 9.65 -25.83
N ARG A 68 -5.54 9.12 -26.14
CA ARG A 68 -6.02 8.96 -27.51
C ARG A 68 -7.50 9.25 -27.58
N TRP A 69 -7.99 9.50 -28.79
CA TRP A 69 -9.43 9.60 -29.00
C TRP A 69 -10.00 8.25 -29.39
N THR A 70 -11.32 8.12 -29.21
CA THR A 70 -12.00 6.85 -29.35
C THR A 70 -13.38 7.08 -29.96
N GLU A 71 -14.05 6.00 -30.34
CA GLU A 71 -15.30 6.25 -31.03
C GLU A 71 -16.44 6.43 -30.02
N PRO A 72 -17.34 7.38 -30.28
CA PRO A 72 -18.39 7.66 -29.30
C PRO A 72 -19.24 6.43 -29.06
N PRO A 73 -19.78 6.27 -27.86
CA PRO A 73 -20.62 5.11 -27.56
C PRO A 73 -21.92 5.15 -28.36
N ALA A 74 -22.55 3.99 -28.46
CA ALA A 74 -23.75 3.86 -29.28
C ALA A 74 -24.97 4.28 -28.48
N PRO A 75 -25.81 5.18 -29.02
CA PRO A 75 -27.06 5.61 -28.37
C PRO A 75 -28.08 4.49 -28.26
N ILE A 98 -20.57 12.64 -28.53
CA ILE A 98 -19.24 13.23 -28.38
C ILE A 98 -18.21 12.12 -28.12
N PRO A 99 -17.04 12.21 -28.76
CA PRO A 99 -16.00 11.19 -28.55
C PRO A 99 -15.47 11.19 -27.12
N GLU A 100 -15.40 10.00 -26.53
CA GLU A 100 -14.82 9.79 -25.20
C GLU A 100 -13.30 9.87 -25.27
N ARG A 101 -12.59 9.35 -24.27
CA ARG A 101 -11.14 9.40 -24.29
C ARG A 101 -10.54 8.28 -23.47
N GLU A 102 -9.47 7.69 -23.97
CA GLU A 102 -8.73 6.66 -23.26
C GLU A 102 -7.30 7.10 -23.02
N PHE A 103 -6.71 6.57 -21.95
CA PHE A 103 -5.37 6.91 -21.52
C PHE A 103 -4.52 5.65 -21.43
N PHE A 104 -3.28 5.74 -21.89
CA PHE A 104 -2.32 4.65 -21.75
C PHE A 104 -1.64 4.78 -20.38
N VAL A 105 -1.74 3.74 -19.57
CA VAL A 105 -1.33 3.80 -18.17
C VAL A 105 -0.25 2.78 -17.90
N LYS A 106 0.65 3.12 -16.97
CA LYS A 106 1.56 2.17 -16.36
C LYS A 106 0.97 1.78 -15.01
N TRP A 107 0.76 0.48 -14.80
CA TRP A 107 0.15 0.01 -13.58
C TRP A 107 1.20 -0.17 -12.50
N ALA A 108 0.83 0.20 -11.28
CA ALA A 108 1.74 0.03 -10.15
C ALA A 108 1.90 -1.44 -9.82
N GLY A 109 3.15 -1.89 -9.71
CA GLY A 109 3.44 -3.27 -9.38
C GLY A 109 3.67 -4.18 -10.58
N LEU A 110 3.11 -3.85 -11.73
CA LEU A 110 3.29 -4.64 -12.94
C LEU A 110 4.13 -3.86 -13.93
N SER A 111 4.84 -4.59 -14.79
CA SER A 111 5.83 -4.00 -15.68
C SER A 111 5.13 -3.33 -16.87
N TYR A 112 5.93 -2.83 -17.80
CA TYR A 112 5.39 -2.13 -18.95
C TYR A 112 4.71 -3.07 -19.95
N TRP A 113 4.91 -4.38 -19.84
CA TRP A 113 4.18 -5.32 -20.69
C TRP A 113 2.69 -5.34 -20.36
N HIS A 114 2.31 -4.79 -19.21
CA HIS A 114 0.92 -4.77 -18.79
C HIS A 114 0.29 -3.39 -18.95
N CYS A 115 0.97 -2.45 -19.61
CA CYS A 115 0.39 -1.14 -19.86
C CYS A 115 -0.89 -1.27 -20.68
N SER A 116 -1.99 -0.79 -20.13
CA SER A 116 -3.31 -0.95 -20.71
C SER A 116 -3.91 0.42 -21.01
N TRP A 117 -5.13 0.40 -21.56
CA TRP A 117 -5.91 1.60 -21.79
C TRP A 117 -7.08 1.65 -20.83
N VAL A 118 -7.34 2.84 -20.28
CA VAL A 118 -8.43 3.04 -19.32
C VAL A 118 -9.27 4.23 -19.78
N LYS A 119 -10.51 4.27 -19.28
CA LYS A 119 -11.42 5.34 -19.65
C LYS A 119 -11.12 6.60 -18.86
N GLU A 120 -11.32 7.76 -19.52
CA GLU A 120 -11.01 9.05 -18.90
C GLU A 120 -11.69 9.19 -17.55
N LEU A 121 -12.98 8.86 -17.48
CA LEU A 121 -13.72 9.03 -16.24
C LEU A 121 -13.30 8.04 -15.16
N GLN A 122 -12.71 6.90 -15.54
CA GLN A 122 -12.08 6.03 -14.54
C GLN A 122 -10.94 6.76 -13.83
N LEU A 123 -10.08 7.42 -14.61
CA LEU A 123 -8.95 8.13 -14.01
C LEU A 123 -9.43 9.22 -13.07
N GLU A 124 -10.37 10.05 -13.52
CA GLU A 124 -10.87 11.13 -12.67
C GLU A 124 -11.51 10.58 -11.40
N LEU A 125 -12.18 9.44 -11.49
CA LEU A 125 -12.88 8.89 -10.33
C LEU A 125 -11.92 8.29 -9.32
N TYR A 126 -10.86 7.61 -9.79
CA TYR A 126 -10.00 6.84 -8.91
C TYR A 126 -8.60 7.38 -8.77
N HIS A 127 -8.17 8.28 -9.66
CA HIS A 127 -6.85 8.88 -9.60
C HIS A 127 -6.97 10.36 -9.93
N THR A 128 -7.84 11.05 -9.18
CA THR A 128 -8.17 12.44 -9.46
C THR A 128 -6.92 13.30 -9.53
N VAL A 129 -6.24 13.46 -8.39
CA VAL A 129 -5.09 14.38 -8.33
C VAL A 129 -4.09 14.06 -9.44
N MET A 130 -3.77 12.78 -9.62
CA MET A 130 -2.92 12.38 -10.73
C MET A 130 -3.52 12.77 -12.07
N TYR A 131 -4.83 12.57 -12.23
CA TYR A 131 -5.50 12.90 -13.48
C TYR A 131 -5.44 14.40 -13.76
N ARG A 132 -5.83 15.22 -12.78
CA ARG A 132 -5.82 16.66 -12.98
C ARG A 132 -4.40 17.20 -13.11
N ASN A 133 -3.42 16.55 -12.48
CA ASN A 133 -2.03 16.98 -12.66
C ASN A 133 -1.60 16.81 -14.11
N TYR A 134 -1.95 15.67 -14.72
CA TYR A 134 -1.71 15.49 -16.14
C TYR A 134 -2.45 16.55 -16.95
N GLN A 135 -3.72 16.78 -16.60
CA GLN A 135 -4.53 17.80 -17.27
C GLN A 135 -3.81 19.13 -17.33
N ARG A 136 -3.30 19.59 -16.18
CA ARG A 136 -2.68 20.91 -16.12
C ARG A 136 -1.48 21.01 -17.05
N LYS A 137 -0.75 19.91 -17.26
CA LYS A 137 0.52 19.97 -17.96
C LYS A 137 0.35 19.97 -19.48
N ASN A 138 -0.68 19.33 -20.01
CA ASN A 138 -0.74 19.03 -21.43
C ASN A 138 -2.04 19.53 -22.05
N ASP A 139 -2.16 19.32 -23.36
CA ASP A 139 -3.35 19.70 -24.11
C ASP A 139 -4.29 18.50 -24.19
N MET A 140 -5.58 18.76 -23.94
CA MET A 140 -6.59 17.71 -23.93
C MET A 140 -7.59 17.84 -25.07
N ASP A 141 -7.25 18.63 -26.09
CA ASP A 141 -7.98 18.65 -27.35
C ASP A 141 -7.34 17.75 -28.40
N GLU A 142 -6.01 17.81 -28.52
CA GLU A 142 -5.22 17.04 -29.45
C GLU A 142 -4.31 16.10 -28.68
N PRO A 143 -4.23 14.83 -29.05
CA PRO A 143 -3.36 13.89 -28.34
C PRO A 143 -1.91 14.33 -28.41
N PRO A 144 -1.09 13.95 -27.45
CA PRO A 144 0.34 14.27 -27.50
C PRO A 144 1.01 13.52 -28.63
N PRO A 145 2.13 14.03 -29.15
CA PRO A 145 2.82 13.34 -30.24
C PRO A 145 3.45 12.05 -29.74
N PHE A 146 3.62 11.12 -30.68
CA PHE A 146 4.30 9.86 -30.38
C PHE A 146 5.77 10.12 -30.11
N ASP A 147 6.33 9.41 -29.14
CA ASP A 147 7.74 9.56 -28.79
C ASP A 147 8.55 8.53 -29.57
N TYR A 148 9.19 8.97 -30.65
CA TYR A 148 10.10 8.12 -31.41
C TYR A 148 11.56 8.42 -31.10
N GLY A 149 11.84 9.28 -30.13
CA GLY A 149 13.21 9.66 -29.79
C GLY A 149 13.81 10.64 -30.77
N PRO A 165 13.39 -7.75 -35.86
CA PRO A 165 12.57 -8.72 -35.13
C PRO A 165 11.11 -8.30 -35.02
N LEU A 166 10.58 -8.35 -33.80
CA LEU A 166 9.22 -7.89 -33.52
C LEU A 166 9.17 -6.42 -33.12
N TYR A 167 10.23 -5.66 -33.40
CA TYR A 167 10.27 -4.26 -32.98
C TYR A 167 9.09 -3.48 -33.55
N ALA A 168 8.85 -3.60 -34.86
CA ALA A 168 7.80 -2.82 -35.52
C ALA A 168 6.48 -2.88 -34.76
N LYS A 169 6.17 -4.03 -34.15
CA LYS A 169 4.98 -4.13 -33.33
C LYS A 169 5.27 -3.62 -31.92
N MET A 170 6.41 -3.97 -31.33
CA MET A 170 6.76 -3.44 -30.02
C MET A 170 6.76 -1.91 -30.04
N GLU A 171 7.17 -1.32 -31.16
CA GLU A 171 7.02 0.12 -31.31
C GLU A 171 5.56 0.54 -31.33
N GLU A 172 4.70 -0.32 -31.87
CA GLU A 172 3.28 0.02 -31.99
C GLU A 172 2.58 0.07 -30.63
N ARG A 173 2.62 -1.04 -29.88
CA ARG A 173 1.92 -1.12 -28.60
C ARG A 173 2.60 -0.26 -27.53
N PHE A 174 3.91 -0.05 -27.63
CA PHE A 174 4.65 0.45 -26.48
C PHE A 174 5.53 1.65 -26.81
N TYR A 175 6.54 1.44 -27.66
CA TYR A 175 7.69 2.35 -27.70
C TYR A 175 7.27 3.78 -28.05
N ARG A 176 6.31 3.93 -28.96
CA ARG A 176 5.91 5.27 -29.38
C ARG A 176 5.24 6.04 -28.26
N TYR A 177 4.59 5.33 -27.32
CA TYR A 177 3.86 6.00 -26.25
C TYR A 177 4.78 6.56 -25.16
N GLY A 178 6.06 6.20 -25.16
CA GLY A 178 6.99 6.76 -24.19
C GLY A 178 7.71 5.71 -23.39
N ILE A 179 7.62 4.46 -23.82
CA ILE A 179 8.26 3.35 -23.13
C ILE A 179 9.63 3.14 -23.77
N LYS A 180 10.68 3.54 -23.06
CA LYS A 180 12.04 3.26 -23.50
C LYS A 180 12.23 1.76 -23.61
N PRO A 181 12.69 1.25 -24.76
CA PRO A 181 12.62 -0.21 -25.00
C PRO A 181 13.38 -1.05 -23.99
N GLU A 182 14.32 -0.48 -23.25
CA GLU A 182 15.03 -1.26 -22.25
C GLU A 182 14.12 -1.62 -21.08
N TRP A 183 13.11 -0.81 -20.83
CA TRP A 183 12.22 -1.03 -19.69
C TRP A 183 11.40 -2.31 -19.84
N MET A 184 11.33 -2.85 -21.05
CA MET A 184 10.63 -4.11 -21.31
C MET A 184 11.59 -5.27 -21.50
N MET A 185 12.89 -5.05 -21.28
CA MET A 185 13.89 -6.10 -21.38
C MET A 185 14.27 -6.58 -19.99
N ILE A 186 14.45 -7.90 -19.85
CA ILE A 186 14.78 -8.48 -18.56
C ILE A 186 16.28 -8.33 -18.29
N HIS A 187 16.62 -7.80 -17.12
CA HIS A 187 18.00 -7.76 -16.67
C HIS A 187 18.33 -8.95 -15.78
N ARG A 188 17.51 -9.19 -14.76
CA ARG A 188 17.77 -10.26 -13.82
C ARG A 188 16.43 -10.83 -13.36
N ILE A 189 16.45 -12.11 -13.01
CA ILE A 189 15.36 -12.75 -12.29
C ILE A 189 15.82 -12.88 -10.82
N LEU A 190 15.11 -12.21 -9.92
CA LEU A 190 15.59 -12.10 -8.56
C LEU A 190 15.02 -13.17 -7.64
N ASN A 191 13.75 -13.53 -7.80
CA ASN A 191 13.12 -14.51 -6.92
C ASN A 191 11.89 -15.06 -7.62
N HIS A 192 11.31 -16.09 -7.01
CA HIS A 192 10.10 -16.74 -7.52
C HIS A 192 9.06 -16.79 -6.42
N SER A 193 7.80 -16.95 -6.82
CA SER A 193 6.70 -17.01 -5.87
C SER A 193 5.59 -17.86 -6.44
N PHE A 194 4.83 -18.49 -5.55
CA PHE A 194 3.68 -19.31 -5.90
C PHE A 194 2.43 -18.70 -5.27
N ASP A 195 1.37 -18.58 -6.05
CA ASP A 195 0.14 -17.95 -5.60
C ASP A 195 -0.90 -18.98 -5.21
N LYS A 196 -2.13 -18.52 -4.98
CA LYS A 196 -3.24 -19.39 -4.62
C LYS A 196 -3.40 -20.54 -5.61
N LYS A 197 -3.47 -20.22 -6.90
CA LYS A 197 -3.60 -21.27 -7.91
C LYS A 197 -2.29 -22.04 -8.09
N GLY A 198 -1.14 -21.38 -7.91
CA GLY A 198 0.13 -22.06 -8.06
C GLY A 198 0.92 -21.71 -9.31
N ASP A 199 0.36 -20.91 -10.22
CA ASP A 199 1.16 -20.38 -11.32
C ASP A 199 2.32 -19.56 -10.78
N VAL A 200 3.55 -19.91 -11.16
CA VAL A 200 4.72 -19.25 -10.59
C VAL A 200 4.86 -17.84 -11.10
N HIS A 201 5.25 -16.94 -10.23
CA HIS A 201 5.60 -15.57 -10.59
C HIS A 201 7.08 -15.37 -10.32
N TYR A 202 7.72 -14.58 -11.18
CA TYR A 202 9.11 -14.21 -11.01
C TYR A 202 9.21 -12.72 -10.80
N LEU A 203 10.11 -12.30 -9.90
CA LEU A 203 10.35 -10.88 -9.64
C LEU A 203 11.50 -10.42 -10.52
N ILE A 204 11.21 -9.60 -11.51
CA ILE A 204 12.18 -9.22 -12.54
C ILE A 204 12.70 -7.82 -12.27
N LYS A 205 14.03 -7.67 -12.33
CA LYS A 205 14.65 -6.35 -12.40
C LYS A 205 14.74 -5.95 -13.87
N TRP A 206 14.20 -4.79 -14.21
CA TRP A 206 14.14 -4.34 -15.59
C TRP A 206 15.31 -3.40 -15.92
N LYS A 207 15.77 -3.48 -17.16
CA LYS A 207 16.96 -2.76 -17.58
C LYS A 207 16.70 -1.25 -17.67
N ASP A 208 17.66 -0.46 -17.18
CA ASP A 208 17.55 1.00 -17.07
C ASP A 208 16.31 1.39 -16.26
N LEU A 209 15.98 0.58 -15.26
CA LEU A 209 14.91 0.87 -14.32
C LEU A 209 15.35 0.39 -12.93
N PRO A 210 15.38 1.27 -11.93
CA PRO A 210 16.02 0.91 -10.66
C PRO A 210 15.25 -0.18 -9.92
N TYR A 211 15.92 -0.76 -8.92
CA TYR A 211 15.40 -1.95 -8.25
C TYR A 211 14.07 -1.69 -7.57
N ASP A 212 13.85 -0.46 -7.09
CA ASP A 212 12.58 -0.06 -6.49
C ASP A 212 11.39 -0.35 -7.38
N GLN A 213 11.61 -0.50 -8.69
CA GLN A 213 10.54 -0.77 -9.64
C GLN A 213 10.67 -2.15 -10.28
N CYS A 214 11.24 -3.09 -9.53
CA CYS A 214 11.12 -4.49 -9.91
C CYS A 214 9.65 -4.88 -9.97
N THR A 215 9.37 -5.98 -10.66
CA THR A 215 8.00 -6.35 -10.95
C THR A 215 7.84 -7.86 -10.88
N TRP A 216 6.78 -8.31 -10.23
CA TRP A 216 6.39 -9.71 -10.28
C TRP A 216 5.70 -9.98 -11.61
N GLU A 217 6.31 -10.83 -12.45
CA GLU A 217 5.80 -11.12 -13.78
C GLU A 217 5.21 -12.53 -13.84
N ILE A 218 4.26 -12.70 -14.75
CA ILE A 218 3.59 -13.99 -14.93
C ILE A 218 4.54 -14.98 -15.61
N ASP A 219 4.27 -16.26 -15.41
CA ASP A 219 5.05 -17.30 -16.07
C ASP A 219 4.81 -17.31 -17.58
N ASP A 220 3.55 -17.31 -18.00
CA ASP A 220 3.21 -17.47 -19.41
C ASP A 220 3.07 -16.09 -20.06
N ILE A 221 4.22 -15.51 -20.42
CA ILE A 221 4.28 -14.30 -21.23
C ILE A 221 5.56 -14.38 -22.03
N ASP A 222 5.48 -14.08 -23.33
CA ASP A 222 6.64 -14.27 -24.21
C ASP A 222 7.47 -12.99 -24.22
N ILE A 223 8.20 -12.80 -23.13
CA ILE A 223 9.29 -11.81 -23.14
C ILE A 223 10.42 -12.36 -24.00
N PRO A 224 11.11 -11.54 -24.79
CA PRO A 224 12.38 -11.99 -25.36
C PRO A 224 13.28 -12.54 -24.25
N TYR A 225 13.83 -13.72 -24.53
CA TYR A 225 14.81 -14.41 -23.69
C TYR A 225 14.20 -15.08 -22.48
N TYR A 226 12.95 -14.75 -22.14
CA TYR A 226 12.37 -15.03 -20.82
C TYR A 226 12.70 -16.42 -20.27
N ASP A 227 12.28 -17.48 -20.96
CA ASP A 227 12.49 -18.81 -20.42
C ASP A 227 13.97 -19.19 -20.36
N ASN A 228 14.83 -18.55 -21.17
CA ASN A 228 16.27 -18.80 -21.06
C ASN A 228 16.79 -18.34 -19.71
N LEU A 229 16.32 -17.18 -19.24
CA LEU A 229 16.70 -16.73 -17.90
C LEU A 229 16.00 -17.51 -16.80
N LYS A 230 14.80 -18.04 -17.08
CA LYS A 230 14.15 -18.94 -16.14
C LYS A 230 15.01 -20.17 -15.88
N GLN A 231 15.58 -20.76 -16.93
CA GLN A 231 16.42 -21.93 -16.75
C GLN A 231 17.70 -21.58 -16.01
N ALA A 232 18.27 -20.41 -16.29
CA ALA A 232 19.45 -19.96 -15.55
C ALA A 232 19.14 -19.85 -14.07
N TYR A 233 18.01 -19.24 -13.73
CA TYR A 233 17.62 -19.07 -12.33
C TYR A 233 17.46 -20.41 -11.64
N TRP A 234 16.83 -21.38 -12.31
CA TRP A 234 16.56 -22.67 -11.68
C TRP A 234 17.73 -23.62 -11.77
N GLY A 235 18.57 -23.48 -12.79
CA GLY A 235 19.65 -24.42 -13.03
C GLY A 235 20.93 -24.13 -12.27
N ASP B 5 -26.22 -2.53 16.40
CA ASP B 5 -26.60 -1.16 16.07
C ASP B 5 -26.45 -0.20 17.25
N ASP B 6 -27.04 -0.55 18.39
CA ASP B 6 -27.05 0.31 19.56
C ASP B 6 -25.83 0.00 20.44
N HIS B 7 -25.91 0.29 21.73
CA HIS B 7 -24.82 0.08 22.66
C HIS B 7 -24.84 -1.34 23.21
N MET B 8 -23.66 -1.84 23.58
CA MET B 8 -23.54 -3.18 24.13
C MET B 8 -24.09 -3.24 25.56
N GLU B 9 -24.94 -4.23 25.83
CA GLU B 9 -25.41 -4.48 27.18
C GLU B 9 -24.52 -5.44 27.96
N PHE B 10 -23.30 -5.70 27.47
CA PHE B 10 -22.34 -6.50 28.20
C PHE B 10 -20.98 -5.78 28.19
N CYS B 11 -20.10 -6.22 29.09
CA CYS B 11 -18.78 -5.62 29.20
C CYS B 11 -17.86 -6.21 28.15
N ARG B 12 -16.95 -5.37 27.64
CA ARG B 12 -16.00 -5.79 26.62
C ARG B 12 -14.88 -6.66 27.15
N VAL B 13 -14.77 -6.81 28.46
CA VAL B 13 -13.65 -7.50 29.08
C VAL B 13 -14.09 -8.79 29.76
N CYS B 14 -15.17 -8.74 30.52
CA CYS B 14 -15.70 -9.93 31.20
C CYS B 14 -16.95 -10.50 30.56
N LYS B 15 -17.56 -9.78 29.61
CA LYS B 15 -18.75 -10.22 28.88
C LYS B 15 -19.92 -10.51 29.83
N ASP B 16 -20.07 -9.67 30.86
CA ASP B 16 -21.20 -9.76 31.77
C ASP B 16 -21.99 -8.45 31.75
N GLY B 17 -23.20 -8.50 32.31
CA GLY B 17 -24.05 -7.33 32.40
C GLY B 17 -23.96 -6.65 33.74
N GLY B 18 -24.90 -5.73 33.97
CA GLY B 18 -24.97 -5.00 35.22
C GLY B 18 -24.97 -3.49 35.04
N GLU B 19 -24.22 -2.78 35.88
CA GLU B 19 -23.89 -1.39 35.58
C GLU B 19 -22.73 -1.38 34.58
N LEU B 20 -22.80 -0.46 33.61
CA LEU B 20 -21.76 -0.38 32.61
C LEU B 20 -21.62 1.06 32.12
N LEU B 21 -20.39 1.48 31.88
CA LEU B 21 -20.07 2.80 31.34
C LEU B 21 -19.87 2.67 29.83
N CYS B 22 -20.68 3.39 29.06
CA CYS B 22 -20.73 3.25 27.62
C CYS B 22 -19.95 4.37 26.94
N CYS B 23 -19.12 4.00 25.96
CA CYS B 23 -18.36 4.99 25.22
C CYS B 23 -19.29 5.91 24.44
N ASP B 24 -18.85 7.16 24.29
CA ASP B 24 -19.67 8.16 23.62
C ASP B 24 -19.45 8.21 22.12
N ALA B 25 -18.33 7.65 21.64
CA ALA B 25 -18.03 7.66 20.22
C ALA B 25 -18.24 6.32 19.55
N CYS B 26 -18.36 5.24 20.31
CA CYS B 26 -18.44 3.90 19.76
C CYS B 26 -19.33 3.06 20.67
N PRO B 27 -19.85 1.91 20.17
CA PRO B 27 -20.81 1.13 20.97
C PRO B 27 -20.21 0.33 22.11
N SER B 28 -18.97 0.62 22.50
CA SER B 28 -18.32 -0.16 23.54
C SER B 28 -18.93 0.14 24.91
N SER B 29 -18.86 -0.85 25.80
CA SER B 29 -19.36 -0.75 27.16
C SER B 29 -18.53 -1.64 28.05
N TYR B 30 -18.07 -1.11 29.17
CA TYR B 30 -17.14 -1.82 30.03
C TYR B 30 -17.63 -1.77 31.47
N HIS B 31 -17.22 -2.78 32.25
CA HIS B 31 -17.34 -2.71 33.69
C HIS B 31 -16.19 -1.86 34.24
N LEU B 32 -16.53 -0.97 35.17
CA LEU B 32 -15.54 -0.01 35.67
C LEU B 32 -14.34 -0.73 36.28
N HIS B 33 -14.58 -1.81 37.03
CA HIS B 33 -13.50 -2.60 37.57
C HIS B 33 -12.77 -3.39 36.48
N CYS B 34 -13.37 -3.53 35.30
CA CYS B 34 -12.77 -4.27 34.20
C CYS B 34 -11.93 -3.39 33.28
N LEU B 35 -11.73 -2.12 33.61
CA LEU B 35 -10.82 -1.28 32.87
C LEU B 35 -9.39 -1.47 33.36
N ASN B 36 -8.45 -0.87 32.64
CA ASN B 36 -7.04 -0.89 33.04
C ASN B 36 -6.41 0.43 32.61
N PRO B 37 -6.22 1.37 33.54
CA PRO B 37 -6.50 1.17 34.97
C PRO B 37 -7.98 1.30 35.31
N PRO B 38 -8.43 0.58 36.34
CA PRO B 38 -9.83 0.71 36.76
C PRO B 38 -10.12 2.13 37.21
N LEU B 39 -11.31 2.60 36.87
CA LEU B 39 -11.70 3.94 37.28
C LEU B 39 -12.39 3.90 38.64
N PRO B 40 -12.40 5.02 39.38
CA PRO B 40 -13.08 5.03 40.68
C PRO B 40 -14.59 4.94 40.52
N GLU B 41 -15.16 5.77 39.65
CA GLU B 41 -16.57 5.69 39.29
C GLU B 41 -16.80 6.62 38.11
N ILE B 42 -18.07 6.71 37.69
CA ILE B 42 -18.48 7.38 36.44
C ILE B 42 -17.91 8.79 36.34
N PRO B 43 -17.13 9.10 35.31
CA PRO B 43 -16.59 10.45 35.17
C PRO B 43 -17.67 11.45 34.76
N ASN B 44 -17.40 12.72 35.06
CA ASN B 44 -18.36 13.79 34.82
C ASN B 44 -18.68 13.97 33.34
N GLY B 45 -17.67 14.36 32.55
CA GLY B 45 -17.88 14.66 31.15
C GLY B 45 -17.96 13.42 30.28
N GLU B 46 -17.69 13.60 28.99
CA GLU B 46 -17.72 12.49 28.06
C GLU B 46 -16.52 11.58 28.28
N TRP B 47 -16.77 10.27 28.20
CA TRP B 47 -15.74 9.26 28.37
C TRP B 47 -15.69 8.40 27.12
N LEU B 48 -14.49 8.20 26.60
CA LEU B 48 -14.28 7.38 25.41
C LEU B 48 -13.48 6.14 25.80
N CYS B 49 -13.91 5.00 25.30
CA CYS B 49 -13.38 3.72 25.72
C CYS B 49 -11.94 3.53 25.25
N PRO B 50 -11.18 2.65 25.91
CA PRO B 50 -9.78 2.41 25.50
C PRO B 50 -9.60 2.12 24.01
N ARG B 51 -10.61 1.51 23.36
CA ARG B 51 -10.53 1.33 21.91
C ARG B 51 -10.54 2.68 21.18
N CYS B 52 -11.34 3.63 21.68
CA CYS B 52 -11.36 4.96 21.09
C CYS B 52 -10.15 5.80 21.51
N THR B 53 -9.63 5.58 22.72
CA THR B 53 -8.43 6.31 23.15
C THR B 53 -7.18 5.79 22.47
N CYS B 54 -7.17 4.50 22.11
CA CYS B 54 -5.99 3.81 21.60
C CYS B 54 -5.38 4.59 20.44
N PRO B 55 -4.13 5.05 20.57
CA PRO B 55 -3.53 5.83 19.49
C PRO B 55 -3.30 4.98 18.26
N PRO B 56 -3.28 5.57 17.08
CA PRO B 56 -2.98 4.78 15.87
C PRO B 56 -1.52 4.40 15.81
N LEU B 57 -1.23 3.43 14.94
CA LEU B 57 0.13 2.98 14.71
C LEU B 57 0.80 3.83 13.64
N LYS B 58 2.11 4.05 13.81
CA LYS B 58 2.83 4.88 12.85
C LYS B 58 2.93 4.21 11.48
N GLY B 59 2.88 2.88 11.43
CA GLY B 59 2.96 2.17 10.17
C GLY B 59 2.13 0.89 10.14
N LYS B 60 2.33 0.07 9.12
CA LYS B 60 1.66 -1.22 9.00
C LYS B 60 2.62 -2.31 9.44
N VAL B 61 2.22 -3.11 10.43
CA VAL B 61 3.07 -4.19 10.89
C VAL B 61 2.94 -5.37 9.92
N GLN B 62 4.08 -5.93 9.53
CA GLN B 62 4.10 -7.07 8.63
C GLN B 62 4.12 -8.40 9.38
N ARG B 63 4.76 -8.46 10.54
CA ARG B 63 4.89 -9.69 11.30
C ARG B 63 5.05 -9.37 12.79
N ILE B 64 4.43 -10.19 13.62
CA ILE B 64 4.64 -10.11 15.08
C ILE B 64 5.78 -11.05 15.43
N LEU B 65 6.77 -10.53 16.15
CA LEU B 65 7.98 -11.27 16.46
C LEU B 65 8.00 -11.85 17.86
N HIS B 66 7.55 -11.07 18.85
CA HIS B 66 7.68 -11.44 20.24
C HIS B 66 6.74 -10.57 21.06
N TRP B 67 6.49 -11.00 22.29
CA TRP B 67 5.68 -10.22 23.20
C TRP B 67 6.17 -10.42 24.62
N ARG B 68 6.09 -9.36 25.42
CA ARG B 68 6.52 -9.39 26.81
C ARG B 68 5.52 -8.60 27.65
N TRP B 69 5.60 -8.81 28.96
CA TRP B 69 4.77 -8.07 29.90
C TRP B 69 5.40 -6.71 30.21
N THR B 70 4.54 -5.77 30.61
CA THR B 70 4.99 -4.44 31.01
C THR B 70 4.23 -4.01 32.26
N GLU B 71 4.67 -2.91 32.84
CA GLU B 71 4.06 -2.41 34.07
C GLU B 71 2.60 -2.06 33.82
N PRO B 72 1.75 -2.16 34.85
CA PRO B 72 0.38 -1.65 34.72
C PRO B 72 0.40 -0.13 34.69
N PRO B 73 -0.54 0.49 33.98
CA PRO B 73 -0.59 1.95 33.95
C PRO B 73 -0.95 2.53 35.31
N ALA B 74 -0.61 3.80 35.48
CA ALA B 74 -0.79 4.46 36.78
C ALA B 74 -2.23 4.93 36.94
N PRO B 75 -2.89 4.65 38.07
CA PRO B 75 -4.26 5.09 38.35
C PRO B 75 -4.37 6.60 38.52
N LEU B 95 -6.04 2.16 43.78
CA LEU B 95 -6.82 1.36 42.85
C LEU B 95 -6.00 1.05 41.60
N GLU B 96 -5.05 0.13 41.73
CA GLU B 96 -4.09 -0.16 40.67
C GLU B 96 -4.72 -1.04 39.59
N GLY B 97 -3.93 -1.37 38.57
CA GLY B 97 -4.40 -2.08 37.40
C GLY B 97 -3.62 -3.35 37.12
N ILE B 98 -4.08 -4.05 36.09
CA ILE B 98 -3.52 -5.35 35.69
C ILE B 98 -2.38 -5.07 34.72
N PRO B 99 -1.30 -5.87 34.73
CA PRO B 99 -0.22 -5.66 33.77
C PRO B 99 -0.65 -5.94 32.35
N GLU B 100 -0.24 -5.07 31.44
CA GLU B 100 -0.50 -5.21 30.02
C GLU B 100 0.69 -5.87 29.33
N ARG B 101 0.51 -6.19 28.05
CA ARG B 101 1.54 -6.83 27.25
C ARG B 101 1.76 -6.05 25.97
N GLU B 102 3.02 -5.93 25.56
CA GLU B 102 3.38 -5.27 24.31
C GLU B 102 4.07 -6.26 23.39
N PHE B 103 3.90 -6.06 22.08
CA PHE B 103 4.39 -6.99 21.07
C PHE B 103 5.54 -6.38 20.28
N PHE B 104 6.56 -7.20 20.02
CA PHE B 104 7.66 -6.80 19.16
C PHE B 104 7.26 -7.07 17.71
N VAL B 105 7.30 -6.03 16.88
CA VAL B 105 6.78 -6.10 15.53
C VAL B 105 7.88 -5.82 14.52
N LYS B 106 7.69 -6.35 13.31
CA LYS B 106 8.48 -5.95 12.15
C LYS B 106 7.61 -5.05 11.28
N TRP B 107 8.04 -3.81 11.07
CA TRP B 107 7.24 -2.89 10.28
C TRP B 107 7.38 -3.23 8.80
N ALA B 108 6.25 -3.26 8.10
CA ALA B 108 6.29 -3.47 6.66
C ALA B 108 6.98 -2.28 6.00
N GLY B 109 7.77 -2.56 4.97
CA GLY B 109 8.51 -1.54 4.27
C GLY B 109 9.73 -1.01 4.98
N LEU B 110 9.81 -1.20 6.29
CA LEU B 110 11.00 -0.87 7.06
C LEU B 110 11.76 -2.14 7.40
N SER B 111 13.06 -2.00 7.60
CA SER B 111 13.93 -3.13 7.87
C SER B 111 13.70 -3.65 9.29
N TYR B 112 14.52 -4.61 9.70
CA TYR B 112 14.46 -5.13 11.06
C TYR B 112 15.14 -4.22 12.07
N TRP B 113 15.86 -3.19 11.63
CA TRP B 113 16.41 -2.23 12.58
C TRP B 113 15.31 -1.41 13.23
N HIS B 114 14.21 -1.19 12.52
CA HIS B 114 13.10 -0.39 13.03
C HIS B 114 12.08 -1.21 13.80
N CYS B 115 12.30 -2.52 13.96
CA CYS B 115 11.45 -3.32 14.83
C CYS B 115 11.32 -2.68 16.19
N SER B 116 10.07 -2.41 16.59
CA SER B 116 9.79 -1.72 17.82
C SER B 116 8.67 -2.45 18.55
N TRP B 117 8.28 -1.90 19.69
CA TRP B 117 7.21 -2.47 20.50
C TRP B 117 5.93 -1.69 20.31
N VAL B 118 4.80 -2.40 20.36
CA VAL B 118 3.47 -1.81 20.20
C VAL B 118 2.52 -2.41 21.23
N LYS B 119 1.50 -1.63 21.58
CA LYS B 119 0.52 -2.06 22.56
C LYS B 119 -0.40 -3.12 21.96
N GLU B 120 -0.79 -4.08 22.81
CA GLU B 120 -1.63 -5.18 22.35
C GLU B 120 -2.94 -4.67 21.77
N LEU B 121 -3.57 -3.70 22.43
CA LEU B 121 -4.81 -3.13 21.93
C LEU B 121 -4.62 -2.56 20.53
N GLN B 122 -3.46 -1.96 20.27
CA GLN B 122 -3.16 -1.46 18.93
C GLN B 122 -3.22 -2.58 17.90
N LEU B 123 -2.68 -3.75 18.26
CA LEU B 123 -2.70 -4.89 17.33
C LEU B 123 -4.12 -5.37 17.09
N GLU B 124 -4.92 -5.49 18.15
CA GLU B 124 -6.28 -6.01 18.00
C GLU B 124 -7.14 -5.09 17.14
N LEU B 125 -6.94 -3.78 17.27
CA LEU B 125 -7.79 -2.84 16.55
C LEU B 125 -7.41 -2.76 15.07
N TYR B 126 -6.12 -2.60 14.77
CA TYR B 126 -5.68 -2.30 13.41
C TYR B 126 -5.10 -3.50 12.67
N HIS B 127 -4.86 -4.62 13.34
CA HIS B 127 -4.34 -5.82 12.71
C HIS B 127 -4.98 -7.05 13.35
N THR B 128 -6.32 -7.10 13.32
CA THR B 128 -7.04 -8.15 14.02
C THR B 128 -6.65 -9.54 13.52
N VAL B 129 -6.67 -9.75 12.21
CA VAL B 129 -6.47 -11.09 11.67
C VAL B 129 -5.07 -11.59 12.00
N MET B 130 -4.05 -10.73 11.89
CA MET B 130 -2.71 -11.12 12.28
C MET B 130 -2.61 -11.35 13.78
N TYR B 131 -3.37 -10.56 14.56
CA TYR B 131 -3.36 -10.70 16.00
C TYR B 131 -4.01 -12.01 16.43
N ARG B 132 -5.22 -12.28 15.93
CA ARG B 132 -5.91 -13.52 16.30
C ARG B 132 -5.14 -14.76 15.86
N ASN B 133 -4.52 -14.69 14.67
CA ASN B 133 -3.68 -15.80 14.21
C ASN B 133 -2.56 -16.08 15.21
N TYR B 134 -1.83 -15.04 15.60
CA TYR B 134 -0.78 -15.18 16.61
C TYR B 134 -1.34 -15.75 17.90
N GLN B 135 -2.39 -15.11 18.43
CA GLN B 135 -2.99 -15.54 19.70
C GLN B 135 -3.24 -17.04 19.74
N ARG B 136 -3.75 -17.62 18.64
CA ARG B 136 -4.08 -19.03 18.64
C ARG B 136 -2.81 -19.88 18.58
N LYS B 137 -1.76 -19.35 17.93
CA LYS B 137 -0.58 -20.18 17.68
C LYS B 137 0.21 -20.45 18.95
N ASN B 138 0.20 -19.54 19.91
CA ASN B 138 0.89 -19.78 21.17
C ASN B 138 0.15 -19.12 22.32
N ASP B 139 0.38 -19.64 23.53
CA ASP B 139 -0.38 -19.16 24.67
C ASP B 139 0.12 -17.80 25.14
N MET B 140 -0.79 -17.05 25.77
CA MET B 140 -0.54 -15.64 26.07
C MET B 140 -0.46 -15.35 27.57
N ASP B 141 -0.20 -16.37 28.37
CA ASP B 141 0.10 -16.18 29.80
C ASP B 141 1.60 -15.96 30.01
N GLU B 142 2.41 -16.83 29.43
CA GLU B 142 3.86 -16.83 29.52
C GLU B 142 4.46 -16.36 28.21
N PRO B 143 5.33 -15.36 28.21
CA PRO B 143 5.94 -14.93 26.95
C PRO B 143 6.74 -16.05 26.33
N PRO B 144 6.89 -16.06 25.00
CA PRO B 144 7.61 -17.13 24.35
C PRO B 144 9.09 -17.06 24.68
N PRO B 145 9.80 -18.19 24.64
CA PRO B 145 11.22 -18.17 24.96
C PRO B 145 12.02 -17.42 23.91
N PHE B 146 13.22 -17.00 24.32
CA PHE B 146 14.09 -16.27 23.41
C PHE B 146 14.71 -17.24 22.41
N ASP B 147 14.81 -16.82 21.16
CA ASP B 147 15.47 -17.63 20.13
C ASP B 147 16.97 -17.34 20.14
N TYR B 148 17.62 -17.79 21.20
CA TYR B 148 19.06 -17.71 21.31
C TYR B 148 19.71 -18.62 20.27
N LYS B 163 30.43 -12.59 20.04
CA LYS B 163 30.43 -12.63 21.50
C LYS B 163 31.07 -11.38 22.08
N ASP B 164 31.37 -10.42 21.21
CA ASP B 164 31.92 -9.14 21.61
C ASP B 164 30.78 -8.24 22.11
N PRO B 165 31.10 -7.08 22.69
CA PRO B 165 30.01 -6.21 23.18
C PRO B 165 29.07 -5.74 22.09
N LEU B 166 29.58 -5.43 20.89
CA LEU B 166 28.70 -4.98 19.81
C LEU B 166 27.67 -6.04 19.47
N TYR B 167 28.07 -7.31 19.42
CA TYR B 167 27.12 -8.39 19.24
C TYR B 167 26.23 -8.56 20.46
N ALA B 168 26.77 -8.30 21.66
CA ALA B 168 26.00 -8.54 22.88
C ALA B 168 24.75 -7.65 22.93
N LYS B 169 24.93 -6.34 22.74
CA LYS B 169 23.77 -5.45 22.74
C LYS B 169 22.90 -5.68 21.50
N MET B 170 23.53 -6.04 20.38
CA MET B 170 22.75 -6.41 19.19
C MET B 170 21.89 -7.64 19.46
N GLU B 171 22.47 -8.64 20.13
CA GLU B 171 21.67 -9.78 20.55
C GLU B 171 20.57 -9.33 21.50
N GLU B 172 20.90 -8.48 22.47
CA GLU B 172 19.91 -8.01 23.43
C GLU B 172 18.81 -7.21 22.75
N ARG B 173 19.16 -6.42 21.73
CA ARG B 173 18.18 -5.53 21.12
C ARG B 173 17.28 -6.27 20.14
N PHE B 174 17.81 -7.25 19.42
CA PHE B 174 17.07 -7.85 18.30
C PHE B 174 17.07 -9.37 18.30
N TYR B 175 18.27 -9.97 18.18
CA TYR B 175 18.39 -11.39 17.82
C TYR B 175 17.55 -12.28 18.72
N ARG B 176 17.48 -11.96 20.02
CA ARG B 176 16.81 -12.86 20.96
C ARG B 176 15.34 -13.04 20.63
N TYR B 177 14.70 -12.02 20.07
CA TYR B 177 13.28 -12.10 19.76
C TYR B 177 13.01 -12.81 18.44
N GLY B 178 14.04 -13.31 17.76
CA GLY B 178 13.85 -14.12 16.58
C GLY B 178 14.28 -13.46 15.29
N ILE B 179 15.26 -12.57 15.35
CA ILE B 179 15.80 -11.92 14.16
C ILE B 179 17.13 -12.58 13.82
N LYS B 180 17.16 -13.31 12.73
CA LYS B 180 18.38 -13.89 12.22
C LYS B 180 19.38 -12.76 11.97
N PRO B 181 20.59 -12.82 12.56
CA PRO B 181 21.51 -11.67 12.44
C PRO B 181 21.82 -11.26 11.02
N GLU B 182 21.75 -12.19 10.07
CA GLU B 182 22.01 -11.85 8.67
C GLU B 182 20.99 -10.86 8.13
N TRP B 183 19.77 -10.87 8.67
CA TRP B 183 18.72 -10.00 8.15
C TRP B 183 19.00 -8.52 8.39
N MET B 184 19.90 -8.21 9.33
CA MET B 184 20.29 -6.84 9.57
C MET B 184 21.64 -6.52 8.93
N MET B 185 22.26 -7.48 8.25
CA MET B 185 23.49 -7.25 7.51
C MET B 185 23.14 -6.74 6.12
N ILE B 186 23.77 -5.64 5.72
CA ILE B 186 23.58 -5.12 4.38
C ILE B 186 24.23 -6.05 3.37
N HIS B 187 23.46 -6.47 2.38
CA HIS B 187 24.03 -7.24 1.27
C HIS B 187 24.39 -6.34 0.10
N ARG B 188 23.45 -5.48 -0.33
CA ARG B 188 23.68 -4.59 -1.44
C ARG B 188 22.94 -3.29 -1.18
N ILE B 189 23.51 -2.19 -1.67
CA ILE B 189 22.78 -0.92 -1.80
C ILE B 189 22.39 -0.81 -3.27
N LEU B 190 21.09 -0.77 -3.53
CA LEU B 190 20.58 -0.85 -4.89
C LEU B 190 20.39 0.54 -5.50
N ASN B 191 19.76 1.45 -4.77
CA ASN B 191 19.60 2.82 -5.25
C ASN B 191 19.34 3.74 -4.07
N HIS B 192 19.61 5.02 -4.29
CA HIS B 192 19.34 6.07 -3.33
C HIS B 192 18.07 6.83 -3.73
N SER B 193 17.58 7.64 -2.80
CA SER B 193 16.46 8.53 -3.09
C SER B 193 16.63 9.79 -2.25
N PHE B 194 16.67 10.93 -2.92
CA PHE B 194 16.80 12.21 -2.24
C PHE B 194 15.40 12.72 -1.92
N ASP B 195 14.99 12.53 -0.66
CA ASP B 195 13.69 12.99 -0.19
C ASP B 195 13.50 14.47 -0.50
N LYS B 196 12.26 14.85 -0.78
CA LYS B 196 11.96 16.25 -1.05
C LYS B 196 12.19 17.11 0.17
N LYS B 197 12.10 16.53 1.37
CA LYS B 197 12.41 17.27 2.59
C LYS B 197 13.89 17.63 2.66
N GLY B 198 14.74 16.84 2.03
CA GLY B 198 16.19 17.05 2.08
C GLY B 198 16.98 15.88 2.62
N ASP B 199 16.34 14.78 3.00
CA ASP B 199 17.03 13.59 3.46
C ASP B 199 17.30 12.64 2.29
N VAL B 200 18.30 11.79 2.46
CA VAL B 200 18.61 10.76 1.47
C VAL B 200 18.33 9.39 2.10
N HIS B 201 17.64 8.55 1.35
CA HIS B 201 17.41 7.17 1.75
C HIS B 201 18.10 6.25 0.74
N TYR B 202 18.48 5.07 1.19
CA TYR B 202 19.13 4.08 0.34
C TYR B 202 18.28 2.82 0.36
N LEU B 203 17.85 2.39 -0.82
CA LEU B 203 17.17 1.10 -0.94
C LEU B 203 18.22 0.02 -0.90
N ILE B 204 18.23 -0.76 0.17
CA ILE B 204 19.26 -1.76 0.37
C ILE B 204 18.65 -3.15 0.15
N LYS B 205 19.53 -4.14 0.01
CA LYS B 205 19.15 -5.54 0.00
C LYS B 205 19.78 -6.20 1.22
N TRP B 206 18.97 -6.91 2.00
CA TRP B 206 19.47 -7.53 3.23
C TRP B 206 19.99 -8.93 2.95
N LYS B 207 20.96 -9.35 3.74
CA LYS B 207 21.50 -10.70 3.60
C LYS B 207 20.46 -11.73 4.04
N ASP B 208 20.35 -12.81 3.27
CA ASP B 208 19.44 -13.92 3.55
C ASP B 208 17.98 -13.46 3.60
N LEU B 209 17.67 -12.40 2.86
CA LEU B 209 16.31 -11.89 2.72
C LEU B 209 16.12 -11.62 1.23
N PRO B 210 15.04 -12.10 0.63
CA PRO B 210 14.89 -11.97 -0.83
C PRO B 210 14.71 -10.51 -1.25
N TYR B 211 14.72 -10.30 -2.57
CA TYR B 211 14.70 -8.94 -3.10
C TYR B 211 13.37 -8.26 -2.84
N ASP B 212 12.26 -9.00 -2.91
CA ASP B 212 10.96 -8.39 -2.61
C ASP B 212 10.92 -7.85 -1.19
N GLN B 213 11.85 -8.25 -0.33
CA GLN B 213 11.95 -7.77 1.04
C GLN B 213 12.96 -6.64 1.20
N CYS B 214 13.41 -6.05 0.09
CA CYS B 214 14.25 -4.86 0.19
C CYS B 214 13.46 -3.71 0.79
N THR B 215 14.15 -2.87 1.57
CA THR B 215 13.52 -1.73 2.22
C THR B 215 14.37 -0.49 2.00
N TRP B 216 13.71 0.67 2.08
CA TRP B 216 14.40 1.94 2.09
C TRP B 216 14.91 2.23 3.50
N GLU B 217 16.19 2.56 3.63
CA GLU B 217 16.80 2.83 4.92
C GLU B 217 17.28 4.27 4.98
N ILE B 218 17.19 4.84 6.18
CA ILE B 218 17.57 6.24 6.37
C ILE B 218 19.09 6.40 6.27
N ASP B 219 19.51 7.64 6.05
CA ASP B 219 20.93 7.92 5.93
C ASP B 219 21.65 7.78 7.27
N ASP B 220 21.06 8.35 8.32
CA ASP B 220 21.74 8.51 9.60
C ASP B 220 21.31 7.41 10.57
N ILE B 221 21.88 6.23 10.38
CA ILE B 221 21.77 5.13 11.35
C ILE B 221 23.04 4.30 11.26
N ASP B 222 23.62 3.98 12.42
CA ASP B 222 24.94 3.36 12.48
C ASP B 222 24.81 1.85 12.27
N ILE B 223 24.77 1.45 11.00
CA ILE B 223 24.80 0.04 10.62
C ILE B 223 26.22 -0.31 10.23
N PRO B 224 26.73 -1.49 10.60
CA PRO B 224 28.09 -1.86 10.18
C PRO B 224 28.22 -1.82 8.66
N TYR B 225 29.36 -1.29 8.20
CA TYR B 225 29.71 -1.16 6.78
C TYR B 225 28.76 -0.26 5.99
N TYR B 226 27.89 0.49 6.66
CA TYR B 226 26.92 1.31 5.93
C TYR B 226 27.63 2.39 5.12
N ASP B 227 28.58 3.09 5.73
CA ASP B 227 29.26 4.16 5.01
C ASP B 227 30.28 3.62 4.03
N ASN B 228 30.86 2.44 4.30
CA ASN B 228 31.70 1.79 3.31
C ASN B 228 30.91 1.54 2.02
N LEU B 229 29.78 0.84 2.15
CA LEU B 229 28.96 0.54 0.98
C LEU B 229 28.33 1.79 0.39
N LYS B 230 28.04 2.79 1.22
CA LYS B 230 27.60 4.08 0.70
C LYS B 230 28.65 4.66 -0.23
N GLN B 231 29.90 4.72 0.22
CA GLN B 231 30.97 5.28 -0.61
C GLN B 231 31.22 4.42 -1.83
N ALA B 232 31.05 3.10 -1.72
CA ALA B 232 31.22 2.23 -2.87
C ALA B 232 30.11 2.43 -3.89
N TYR B 233 28.87 2.57 -3.41
CA TYR B 233 27.75 2.81 -4.30
C TYR B 233 27.92 4.11 -5.06
N TRP B 234 28.26 5.19 -4.35
CA TRP B 234 28.52 6.46 -5.00
C TRP B 234 29.76 6.40 -5.88
N GLY B 235 30.76 5.62 -5.48
CA GLY B 235 31.94 5.46 -6.29
C GLY B 235 31.63 4.90 -7.67
N HIS B 236 30.97 3.74 -7.71
CA HIS B 236 30.57 3.16 -8.99
C HIS B 236 29.65 4.09 -9.74
N ARG B 237 28.79 4.82 -9.02
CA ARG B 237 27.86 5.73 -9.68
C ARG B 237 28.59 6.82 -10.45
N GLU B 238 29.77 7.22 -9.99
CA GLU B 238 30.60 8.13 -10.79
C GLU B 238 31.17 7.41 -12.00
N LEU B 239 31.50 6.12 -11.85
CA LEU B 239 32.14 5.38 -12.93
C LEU B 239 31.27 5.32 -14.17
N MET B 240 29.94 5.40 -14.02
CA MET B 240 29.04 5.53 -15.15
C MET B 240 28.82 6.98 -15.55
N LEU B 241 29.77 7.86 -15.25
CA LEU B 241 29.70 9.27 -15.64
C LEU B 241 28.46 9.96 -15.09
ZN ZN C . -24.28 8.42 -9.01
ZN ZN D . -25.57 20.31 -18.33
ZN ZN E . -16.36 -6.40 32.85
ZN ZN F . -15.36 3.65 22.23
#